data_5EXI
#
_entry.id   5EXI
#
_cell.length_a   48.663
_cell.length_b   57.815
_cell.length_c   116.568
_cell.angle_alpha   90.000
_cell.angle_beta   90.000
_cell.angle_gamma   90.000
#
_symmetry.space_group_name_H-M   'P 21 21 21'
#
loop_
_entity.id
_entity.type
_entity.pdbx_description
1 polymer 'Lipoyl synthase'
2 non-polymer 'IRON/SULFUR CLUSTER'
3 non-polymer (2S,3S)-1,4-DIMERCAPTOBUTANE-2,3-DIOL
4 water water
#
_entity_poly.entity_id   1
_entity_poly.type   'polypeptide(L)'
_entity_poly.pdbx_seq_one_letter_code
;MGSSHHHHHHSSGLVPRGSHMSVAAEGRRLLRLEVRNAQTPIERKPPWIKTRARIGPEYTELKNLVRREGLHTVCEEAGC
PNIFECWEDREATFLIGGDQCTRRCDFCQIDTGKPAELDRDEPRRVADSVRTMGLRYATVTGVARDDLPDGGAWLYAATV
RAIKELNPSTGVELLIPDFNGEPTRLAEVFESGPEVLAHNVETVPRIFKRIRPAFTYRRSLGVLTAARDAGLVTKSNLIL
GLGETSDEVRTALGDLRDAGCDIVTITQYLRPSARHHPVERWVKPEEFVQFARFAEGLGFAGVLAGPLVRSSYRAGRLYE
QARNSRALASR
;
_entity_poly.pdbx_strand_id   A
#
loop_
_chem_comp.id
_chem_comp.type
_chem_comp.name
_chem_comp.formula
DTV non-polymer (2S,3S)-1,4-DIMERCAPTOBUTANE-2,3-DIOL 'C4 H10 O2 S2'
SF4 non-polymer 'IRON/SULFUR CLUSTER' 'Fe4 S4'
#
# COMPACT_ATOMS: atom_id res chain seq x y z
N ARG A 54 23.20 -8.75 9.32
CA ARG A 54 21.92 -8.81 8.62
C ARG A 54 22.01 -8.50 7.11
N ILE A 55 23.23 -8.38 6.58
CA ILE A 55 23.42 -8.01 5.16
C ILE A 55 23.72 -9.21 4.27
N GLY A 56 22.80 -9.50 3.35
CA GLY A 56 22.92 -10.69 2.54
C GLY A 56 23.37 -10.40 1.12
N PRO A 57 23.65 -11.45 0.34
CA PRO A 57 24.17 -11.32 -1.02
C PRO A 57 23.15 -10.76 -2.01
N GLU A 58 21.86 -11.03 -1.82
CA GLU A 58 20.88 -10.53 -2.79
C GLU A 58 20.60 -9.07 -2.53
N TYR A 59 20.64 -8.67 -1.26
CA TYR A 59 20.51 -7.26 -0.94
C TYR A 59 21.69 -6.52 -1.59
N THR A 60 22.87 -7.10 -1.44
CA THR A 60 24.09 -6.55 -2.02
C THR A 60 24.01 -6.38 -3.53
N GLU A 61 23.66 -7.44 -4.25
CA GLU A 61 23.47 -7.34 -5.70
C GLU A 61 22.51 -6.20 -6.06
N LEU A 62 21.39 -6.14 -5.36
CA LEU A 62 20.37 -5.15 -5.69
C LEU A 62 20.86 -3.72 -5.45
N LYS A 63 21.58 -3.50 -4.35
CA LYS A 63 22.02 -2.14 -4.08
C LYS A 63 23.06 -1.69 -5.11
N ASN A 64 23.94 -2.61 -5.52
CA ASN A 64 24.86 -2.35 -6.61
C ASN A 64 24.12 -1.90 -7.87
N LEU A 65 23.05 -2.61 -8.21
CA LEU A 65 22.35 -2.32 -9.45
C LEU A 65 21.66 -0.97 -9.34
N VAL A 66 21.07 -0.72 -8.18
CA VAL A 66 20.40 0.55 -7.94
C VAL A 66 21.36 1.75 -8.05
N ARG A 67 22.51 1.62 -7.39
CA ARG A 67 23.54 2.66 -7.42
C ARG A 67 24.02 2.97 -8.84
N ARG A 68 24.43 1.92 -9.57
CA ARG A 68 24.97 2.09 -10.92
C ARG A 68 23.96 2.68 -11.91
N GLU A 69 22.69 2.32 -11.75
CA GLU A 69 21.66 2.81 -12.67
C GLU A 69 20.97 4.06 -12.15
N GLY A 70 21.31 4.47 -10.93
CA GLY A 70 20.66 5.59 -10.28
C GLY A 70 19.15 5.42 -10.11
N LEU A 71 18.73 4.20 -9.83
CA LEU A 71 17.30 3.92 -9.65
C LEU A 71 16.80 4.48 -8.34
N HIS A 72 15.59 5.03 -8.37
CA HIS A 72 14.94 5.54 -7.17
C HIS A 72 13.99 4.51 -6.60
N THR A 73 14.14 4.19 -5.32
CA THR A 73 13.19 3.31 -4.65
C THR A 73 12.73 3.97 -3.38
N VAL A 74 11.48 3.72 -3.00
CA VAL A 74 10.99 4.20 -1.72
C VAL A 74 11.86 3.61 -0.60
N CYS A 75 12.29 2.37 -0.78
CA CYS A 75 13.09 1.68 0.23
C CYS A 75 14.32 2.48 0.69
N GLU A 76 15.11 2.96 -0.27
CA GLU A 76 16.29 3.76 0.07
C GLU A 76 15.90 5.17 0.46
N GLU A 77 15.06 5.81 -0.35
CA GLU A 77 14.81 7.24 -0.22
C GLU A 77 14.01 7.65 1.01
N ALA A 78 13.23 6.73 1.57
CA ALA A 78 12.49 7.04 2.79
C ALA A 78 13.20 6.50 4.02
N GLY A 79 14.38 5.91 3.82
CA GLY A 79 15.19 5.41 4.91
C GLY A 79 14.55 4.27 5.68
N CYS A 80 13.93 3.34 4.95
CA CYS A 80 13.21 2.25 5.60
C CYS A 80 14.14 1.21 6.22
N PRO A 81 13.89 0.85 7.48
CA PRO A 81 14.78 -0.10 8.19
C PRO A 81 14.64 -1.56 7.73
N ASN A 82 13.60 -1.87 6.96
CA ASN A 82 13.37 -3.24 6.47
C ASN A 82 14.17 -3.64 5.23
N ILE A 83 14.90 -2.68 4.65
CA ILE A 83 15.49 -2.85 3.33
C ILE A 83 16.37 -4.11 3.21
N PHE A 84 17.18 -4.36 4.23
CA PHE A 84 17.98 -5.59 4.27
C PHE A 84 17.11 -6.82 4.08
N GLU A 85 15.99 -6.88 4.79
CA GLU A 85 15.13 -8.06 4.70
C GLU A 85 14.35 -8.14 3.38
N CYS A 86 13.78 -7.01 2.95
CA CYS A 86 12.94 -7.02 1.76
C CYS A 86 13.74 -7.24 0.46
N TRP A 87 14.92 -6.63 0.38
CA TRP A 87 15.70 -6.76 -0.83
C TRP A 87 16.29 -8.17 -0.95
N GLU A 88 16.53 -8.81 0.19
CA GLU A 88 16.95 -10.21 0.20
C GLU A 88 15.88 -11.11 -0.40
N ASP A 89 14.62 -10.72 -0.25
CA ASP A 89 13.52 -11.43 -0.89
C ASP A 89 13.15 -10.79 -2.22
N ARG A 90 13.98 -9.87 -2.68
CA ARG A 90 13.77 -9.19 -3.95
C ARG A 90 12.40 -8.52 -4.02
N GLU A 91 12.07 -7.76 -2.99
CA GLU A 91 10.85 -6.98 -3.02
C GLU A 91 11.26 -5.54 -2.84
N ALA A 92 10.60 -4.64 -3.55
CA ALA A 92 10.90 -3.23 -3.42
C ALA A 92 9.67 -2.39 -3.75
N THR A 93 9.73 -1.11 -3.40
CA THR A 93 8.57 -0.25 -3.53
C THR A 93 8.91 1.04 -4.26
N PHE A 94 7.97 1.51 -5.08
CA PHE A 94 8.21 2.65 -5.94
C PHE A 94 7.10 3.66 -5.82
N LEU A 95 7.48 4.92 -5.92
CA LEU A 95 6.56 6.04 -5.85
C LEU A 95 6.36 6.65 -7.23
N ILE A 96 5.10 6.79 -7.64
CA ILE A 96 4.79 7.44 -8.91
C ILE A 96 3.94 8.68 -8.67
N GLY A 97 3.93 9.59 -9.63
CA GLY A 97 3.12 10.79 -9.52
C GLY A 97 3.74 11.95 -8.74
N GLY A 98 5.02 11.84 -8.40
CA GLY A 98 5.73 12.90 -7.69
C GLY A 98 5.58 12.81 -6.18
N ASP A 99 6.26 13.67 -5.43
CA ASP A 99 6.17 13.63 -3.97
C ASP A 99 5.41 14.82 -3.36
N GLN A 100 4.60 15.47 -4.19
CA GLN A 100 3.74 16.54 -3.73
C GLN A 100 2.29 16.11 -3.95
N CYS A 101 1.57 15.88 -2.87
CA CYS A 101 0.17 15.46 -2.97
C CYS A 101 -0.79 16.65 -2.95
N THR A 102 -1.93 16.49 -3.62
CA THR A 102 -2.97 17.52 -3.62
C THR A 102 -3.89 17.47 -2.40
N ARG A 103 -3.60 16.56 -1.46
CA ARG A 103 -4.40 16.43 -0.24
C ARG A 103 -3.49 16.46 0.95
N ARG A 104 -4.09 16.35 2.13
CA ARG A 104 -3.36 16.50 3.38
C ARG A 104 -3.98 15.54 4.39
N CYS A 105 -3.21 14.56 4.83
CA CYS A 105 -3.68 13.65 5.86
C CYS A 105 -2.67 13.74 6.99
N ASP A 106 -3.14 13.85 8.22
CA ASP A 106 -2.27 14.29 9.32
C ASP A 106 -1.29 13.24 9.79
N PHE A 107 -1.47 12.00 9.37
CA PHE A 107 -0.51 10.94 9.70
C PHE A 107 0.58 10.78 8.62
N CYS A 108 0.33 11.32 7.44
CA CYS A 108 1.13 10.97 6.26
C CYS A 108 2.36 11.84 6.04
N GLN A 109 3.49 11.21 5.75
CA GLN A 109 4.75 11.95 5.55
C GLN A 109 4.91 12.64 4.19
N ILE A 110 3.99 12.41 3.27
CA ILE A 110 4.04 13.09 1.97
C ILE A 110 3.67 14.57 2.15
N ASP A 111 4.50 15.47 1.62
CA ASP A 111 4.20 16.90 1.64
C ASP A 111 3.05 17.23 0.70
N THR A 112 2.24 18.21 1.09
CA THR A 112 1.18 18.75 0.24
C THR A 112 1.80 19.88 -0.54
N GLY A 113 1.48 19.98 -1.83
CA GLY A 113 2.06 21.01 -2.64
C GLY A 113 1.51 20.95 -4.04
N LYS A 114 1.98 21.83 -4.92
CA LYS A 114 1.57 21.76 -6.31
C LYS A 114 2.43 20.74 -7.03
N PRO A 115 1.78 19.71 -7.59
CA PRO A 115 2.50 18.60 -8.21
C PRO A 115 3.08 19.05 -9.54
N ALA A 116 4.20 18.47 -9.93
CA ALA A 116 4.79 18.75 -11.23
C ALA A 116 3.94 18.09 -12.31
N GLU A 117 4.20 18.46 -13.56
CA GLU A 117 3.43 17.98 -14.69
C GLU A 117 3.45 16.46 -14.76
N LEU A 118 2.36 15.89 -15.28
CA LEU A 118 2.29 14.45 -15.49
C LEU A 118 3.50 14.01 -16.31
N ASP A 119 4.21 13.02 -15.81
CA ASP A 119 5.35 12.46 -16.49
C ASP A 119 4.95 11.12 -17.12
N ARG A 120 4.57 11.13 -18.40
CA ARG A 120 4.08 9.91 -19.04
C ARG A 120 5.16 8.88 -19.30
N ASP A 121 6.40 9.20 -18.96
CA ASP A 121 7.49 8.25 -19.14
C ASP A 121 7.76 7.46 -17.85
N GLU A 122 7.11 7.89 -16.78
CA GLU A 122 7.21 7.23 -15.48
C GLU A 122 6.92 5.70 -15.50
N PRO A 123 5.80 5.27 -16.12
CA PRO A 123 5.56 3.83 -16.18
C PRO A 123 6.73 3.01 -16.76
N ARG A 124 7.28 3.45 -17.89
CA ARG A 124 8.43 2.77 -18.49
C ARG A 124 9.57 2.75 -17.49
N ARG A 125 9.78 3.88 -16.84
CA ARG A 125 10.89 4.02 -15.91
C ARG A 125 10.76 3.09 -14.71
N VAL A 126 9.55 2.97 -14.18
CA VAL A 126 9.32 2.04 -13.08
C VAL A 126 9.55 0.60 -13.55
N ALA A 127 8.93 0.22 -14.67
CA ALA A 127 9.07 -1.15 -15.18
C ALA A 127 10.53 -1.52 -15.43
N ASP A 128 11.33 -0.53 -15.84
CA ASP A 128 12.74 -0.80 -16.12
C ASP A 128 13.53 -1.02 -14.84
N SER A 129 13.14 -0.33 -13.78
CA SER A 129 13.81 -0.49 -12.50
C SER A 129 13.48 -1.86 -11.96
N VAL A 130 12.23 -2.27 -12.10
CA VAL A 130 11.79 -3.58 -11.64
C VAL A 130 12.56 -4.66 -12.38
N ARG A 131 12.70 -4.48 -13.70
CA ARG A 131 13.45 -5.42 -14.54
C ARG A 131 14.92 -5.45 -14.12
N THR A 132 15.53 -4.28 -14.01
CA THR A 132 16.94 -4.19 -13.65
C THR A 132 17.21 -4.85 -12.30
N MET A 133 16.26 -4.71 -11.38
CA MET A 133 16.45 -5.29 -10.05
C MET A 133 16.10 -6.77 -9.99
N GLY A 134 15.36 -7.26 -10.98
CA GLY A 134 14.93 -8.65 -11.00
C GLY A 134 14.04 -9.00 -9.80
N LEU A 135 13.09 -8.12 -9.51
CA LEU A 135 12.22 -8.29 -8.34
C LEU A 135 11.22 -9.44 -8.50
N ARG A 136 10.91 -10.13 -7.40
CA ARG A 136 9.81 -11.08 -7.37
C ARG A 136 8.51 -10.35 -7.04
N TYR A 137 8.61 -9.21 -6.39
CA TYR A 137 7.41 -8.46 -5.99
C TYR A 137 7.66 -6.96 -6.00
N ALA A 138 6.74 -6.22 -6.60
CA ALA A 138 6.89 -4.78 -6.69
C ALA A 138 5.63 -4.06 -6.18
N THR A 139 5.82 -3.08 -5.31
CA THR A 139 4.71 -2.26 -4.88
C THR A 139 4.79 -0.89 -5.54
N VAL A 140 3.67 -0.44 -6.10
CA VAL A 140 3.60 0.85 -6.73
C VAL A 140 2.62 1.70 -5.94
N THR A 141 3.11 2.82 -5.41
CA THR A 141 2.30 3.73 -4.64
C THR A 141 2.43 5.11 -5.24
N GLY A 142 1.49 6.00 -4.92
CA GLY A 142 1.58 7.38 -5.33
C GLY A 142 0.75 8.32 -4.49
N VAL A 143 0.68 9.57 -4.92
CA VAL A 143 -0.06 10.59 -4.22
C VAL A 143 -1.41 10.76 -4.87
N ALA A 144 -2.27 11.55 -4.25
CA ALA A 144 -3.53 11.95 -4.88
C ALA A 144 -3.21 13.04 -5.92
N ARG A 145 -3.96 13.04 -7.01
CA ARG A 145 -3.68 13.97 -8.10
C ARG A 145 -4.96 14.65 -8.55
N ASP A 146 -5.53 15.45 -7.65
CA ASP A 146 -6.75 16.20 -7.96
C ASP A 146 -6.54 17.27 -9.03
N ASP A 147 -5.28 17.61 -9.31
CA ASP A 147 -4.97 18.53 -10.41
C ASP A 147 -5.23 17.92 -11.79
N LEU A 148 -5.11 16.60 -11.89
CA LEU A 148 -5.31 15.89 -13.17
C LEU A 148 -6.76 15.51 -13.43
N PRO A 149 -7.21 15.69 -14.66
CA PRO A 149 -8.62 15.42 -14.98
C PRO A 149 -9.06 13.98 -14.67
N ASP A 150 -8.17 13.00 -14.73
CA ASP A 150 -8.55 11.61 -14.46
C ASP A 150 -8.01 11.15 -13.12
N GLY A 151 -7.58 12.10 -12.30
CA GLY A 151 -7.10 11.82 -10.97
C GLY A 151 -5.79 11.04 -10.99
N GLY A 152 -5.21 10.94 -12.17
CA GLY A 152 -4.02 10.12 -12.36
C GLY A 152 -4.32 8.64 -12.53
N ALA A 153 -5.56 8.32 -12.91
CA ALA A 153 -5.90 6.91 -13.15
C ALA A 153 -5.02 6.31 -14.24
N TRP A 154 -4.82 7.04 -15.32
CA TRP A 154 -4.01 6.53 -16.42
C TRP A 154 -2.63 6.14 -15.95
N LEU A 155 -2.03 7.01 -15.14
CA LEU A 155 -0.66 6.82 -14.70
C LEU A 155 -0.52 5.55 -13.87
N TYR A 156 -1.46 5.33 -12.95
CA TYR A 156 -1.42 4.15 -12.10
C TYR A 156 -1.55 2.86 -12.92
N ALA A 157 -2.56 2.82 -13.79
CA ALA A 157 -2.80 1.68 -14.66
C ALA A 157 -1.63 1.38 -15.62
N ALA A 158 -1.08 2.43 -16.22
CA ALA A 158 -0.03 2.25 -17.22
C ALA A 158 1.25 1.75 -16.58
N THR A 159 1.45 2.12 -15.32
CA THR A 159 2.63 1.67 -14.61
C THR A 159 2.55 0.18 -14.35
N VAL A 160 1.35 -0.27 -14.02
CA VAL A 160 1.10 -1.68 -13.77
C VAL A 160 1.26 -2.47 -15.06
N ARG A 161 0.65 -1.96 -16.12
CA ARG A 161 0.73 -2.59 -17.43
C ARG A 161 2.17 -2.65 -17.90
N ALA A 162 2.94 -1.59 -17.69
CA ALA A 162 4.31 -1.57 -18.14
C ALA A 162 5.15 -2.59 -17.38
N ILE A 163 4.95 -2.67 -16.07
CA ILE A 163 5.67 -3.64 -15.25
C ILE A 163 5.40 -5.08 -15.68
N LYS A 164 4.13 -5.40 -15.92
CA LYS A 164 3.75 -6.77 -16.24
C LYS A 164 4.19 -7.19 -17.65
N GLU A 165 4.26 -6.23 -18.57
CA GLU A 165 4.74 -6.51 -19.93
C GLU A 165 6.22 -6.87 -19.97
N LEU A 166 6.98 -6.39 -19.01
CA LEU A 166 8.42 -6.59 -19.02
C LEU A 166 8.84 -7.57 -17.92
N ASN A 167 7.95 -7.79 -16.95
CA ASN A 167 8.28 -8.63 -15.80
C ASN A 167 7.12 -9.57 -15.50
N PRO A 168 6.96 -10.59 -16.34
CA PRO A 168 5.81 -11.50 -16.24
C PRO A 168 5.82 -12.32 -14.94
N SER A 169 6.99 -12.55 -14.36
CA SER A 169 7.09 -13.33 -13.13
CA SER A 169 7.06 -13.32 -13.13
C SER A 169 7.11 -12.45 -11.88
N THR A 170 6.87 -11.16 -12.03
CA THR A 170 6.89 -10.25 -10.88
C THR A 170 5.49 -9.95 -10.39
N GLY A 171 5.21 -10.25 -9.13
CA GLY A 171 3.93 -9.88 -8.57
C GLY A 171 3.89 -8.37 -8.36
N VAL A 172 2.76 -7.76 -8.72
CA VAL A 172 2.60 -6.32 -8.60
C VAL A 172 1.48 -5.95 -7.67
N GLU A 173 1.81 -5.11 -6.69
CA GLU A 173 0.86 -4.57 -5.75
C GLU A 173 0.69 -3.08 -6.02
N LEU A 174 -0.56 -2.65 -6.19
CA LEU A 174 -0.85 -1.27 -6.51
C LEU A 174 -1.62 -0.59 -5.38
N LEU A 175 -0.98 0.37 -4.71
CA LEU A 175 -1.62 1.09 -3.61
C LEU A 175 -2.11 2.44 -4.11
N ILE A 176 -3.42 2.63 -4.07
CA ILE A 176 -4.06 3.75 -4.74
C ILE A 176 -4.75 4.72 -3.77
N PRO A 177 -4.86 5.99 -4.19
CA PRO A 177 -5.78 6.92 -3.53
C PRO A 177 -7.21 6.53 -3.93
N ASP A 178 -8.22 7.34 -3.62
CA ASP A 178 -9.60 6.90 -3.89
C ASP A 178 -10.19 7.29 -5.25
N PHE A 179 -9.50 8.17 -5.98
CA PHE A 179 -9.98 8.66 -7.28
C PHE A 179 -11.40 9.23 -7.18
N ASN A 180 -11.70 9.82 -6.02
CA ASN A 180 -13.01 10.37 -5.72
C ASN A 180 -14.10 9.32 -5.71
N GLY A 181 -13.71 8.05 -5.77
CA GLY A 181 -14.65 6.94 -5.81
C GLY A 181 -15.31 6.80 -7.17
N GLU A 182 -14.75 7.50 -8.15
CA GLU A 182 -15.29 7.52 -9.50
C GLU A 182 -15.22 6.16 -10.17
N PRO A 183 -16.38 5.57 -10.48
CA PRO A 183 -16.42 4.20 -11.02
C PRO A 183 -15.54 4.00 -12.24
N THR A 184 -15.52 4.98 -13.16
CA THR A 184 -14.81 4.79 -14.42
C THR A 184 -13.30 4.91 -14.24
N ARG A 185 -12.88 5.72 -13.27
CA ARG A 185 -11.47 5.80 -12.97
C ARG A 185 -11.03 4.50 -12.33
N LEU A 186 -11.81 4.02 -11.37
CA LEU A 186 -11.46 2.81 -10.65
C LEU A 186 -11.41 1.62 -11.61
N ALA A 187 -12.35 1.58 -12.55
CA ALA A 187 -12.44 0.51 -13.52
C ALA A 187 -11.20 0.48 -14.42
N GLU A 188 -10.69 1.66 -14.76
CA GLU A 188 -9.49 1.78 -15.57
C GLU A 188 -8.31 1.18 -14.82
N VAL A 189 -8.20 1.51 -13.54
CA VAL A 189 -7.12 0.97 -12.71
C VAL A 189 -7.24 -0.53 -12.50
N PHE A 190 -8.44 -1.01 -12.19
CA PHE A 190 -8.68 -2.43 -11.95
C PHE A 190 -8.31 -3.29 -13.16
N GLU A 191 -8.59 -2.78 -14.35
CA GLU A 191 -8.35 -3.49 -15.61
C GLU A 191 -6.88 -3.79 -15.84
N SER A 192 -6.01 -2.95 -15.27
CA SER A 192 -4.57 -3.17 -15.35
C SER A 192 -4.17 -4.51 -14.72
N GLY A 193 -5.01 -4.99 -13.81
CA GLY A 193 -4.82 -6.31 -13.21
C GLY A 193 -3.59 -6.53 -12.34
N PRO A 194 -3.38 -5.68 -11.32
CA PRO A 194 -2.30 -5.98 -10.37
C PRO A 194 -2.63 -7.24 -9.59
N GLU A 195 -1.64 -7.93 -9.03
CA GLU A 195 -1.90 -9.07 -8.18
C GLU A 195 -2.64 -8.69 -6.90
N VAL A 196 -2.37 -7.49 -6.40
CA VAL A 196 -3.06 -6.95 -5.23
C VAL A 196 -3.44 -5.48 -5.47
N LEU A 197 -4.69 -5.15 -5.23
CA LEU A 197 -5.12 -3.77 -5.21
C LEU A 197 -5.25 -3.39 -3.75
N ALA A 198 -4.43 -2.43 -3.31
CA ALA A 198 -4.49 -1.96 -1.93
C ALA A 198 -5.01 -0.53 -1.84
N HIS A 199 -5.91 -0.30 -0.88
CA HIS A 199 -6.35 1.05 -0.58
C HIS A 199 -6.49 1.17 0.92
N ASN A 200 -5.58 1.91 1.53
CA ASN A 200 -5.48 1.96 2.97
C ASN A 200 -6.44 2.95 3.62
N VAL A 201 -7.32 2.47 4.49
CA VAL A 201 -8.22 3.36 5.23
C VAL A 201 -7.46 4.05 6.35
N GLU A 202 -6.42 3.38 6.85
CA GLU A 202 -5.47 3.92 7.82
C GLU A 202 -6.00 4.07 9.24
N THR A 203 -7.20 4.61 9.39
CA THR A 203 -7.75 4.74 10.73
C THR A 203 -9.26 4.50 10.84
N VAL A 204 -9.81 4.73 12.03
CA VAL A 204 -11.22 4.41 12.30
C VAL A 204 -12.10 5.63 12.00
N PRO A 205 -13.42 5.44 11.80
CA PRO A 205 -14.28 6.53 11.30
C PRO A 205 -14.23 7.85 12.08
N ARG A 206 -14.26 7.81 13.40
CA ARG A 206 -14.24 9.02 14.23
C ARG A 206 -13.03 9.91 13.93
N ILE A 207 -11.87 9.30 13.86
CA ILE A 207 -10.63 10.00 13.60
C ILE A 207 -10.49 10.30 12.11
N PHE A 208 -10.99 9.39 11.28
CA PHE A 208 -10.92 9.48 9.83
C PHE A 208 -11.48 10.82 9.33
N LYS A 209 -12.66 11.20 9.82
CA LYS A 209 -13.36 12.37 9.30
C LYS A 209 -12.63 13.68 9.63
N ARG A 210 -11.77 13.62 10.63
CA ARG A 210 -11.03 14.78 11.10
C ARG A 210 -9.67 14.95 10.41
N ILE A 211 -8.95 13.85 10.21
CA ILE A 211 -7.58 13.94 9.73
C ILE A 211 -7.39 13.48 8.28
N ARG A 212 -8.48 13.09 7.64
CA ARG A 212 -8.44 12.82 6.21
C ARG A 212 -9.60 13.55 5.54
N PRO A 213 -9.59 14.89 5.60
CA PRO A 213 -10.73 15.71 5.15
C PRO A 213 -11.10 15.51 3.69
N ALA A 214 -10.15 15.02 2.89
CA ALA A 214 -10.44 14.82 1.48
C ALA A 214 -11.12 13.48 1.20
N PHE A 215 -11.24 12.62 2.22
CA PHE A 215 -11.79 11.27 2.04
C PHE A 215 -13.06 11.09 2.86
N THR A 216 -13.77 10.00 2.60
CA THR A 216 -14.78 9.48 3.53
C THR A 216 -14.57 8.00 3.75
N TYR A 217 -14.85 7.57 4.97
CA TYR A 217 -14.62 6.19 5.38
C TYR A 217 -15.43 5.22 4.51
N ARG A 218 -16.64 5.64 4.15
CA ARG A 218 -17.54 4.80 3.37
C ARG A 218 -17.09 4.70 1.92
N ARG A 219 -16.58 5.81 1.38
CA ARG A 219 -16.09 5.82 0.00
C ARG A 219 -14.87 4.93 -0.15
N SER A 220 -13.96 5.02 0.82
CA SER A 220 -12.77 4.19 0.84
C SER A 220 -13.10 2.69 0.95
N LEU A 221 -13.97 2.33 1.90
CA LEU A 221 -14.42 0.95 1.97
C LEU A 221 -15.03 0.53 0.63
N GLY A 222 -15.70 1.48 -0.02
CA GLY A 222 -16.32 1.25 -1.32
C GLY A 222 -15.31 0.97 -2.42
N VAL A 223 -14.12 1.58 -2.30
CA VAL A 223 -13.06 1.31 -3.24
C VAL A 223 -12.66 -0.18 -3.16
N LEU A 224 -12.52 -0.67 -1.93
CA LEU A 224 -12.15 -2.06 -1.69
C LEU A 224 -13.22 -3.02 -2.20
N THR A 225 -14.48 -2.70 -1.96
CA THR A 225 -15.58 -3.51 -2.46
C THR A 225 -15.54 -3.54 -3.98
N ALA A 226 -15.33 -2.37 -4.58
CA ALA A 226 -15.23 -2.26 -6.04
C ALA A 226 -14.14 -3.18 -6.59
N ALA A 227 -12.97 -3.15 -5.96
CA ALA A 227 -11.85 -3.96 -6.41
C ALA A 227 -12.12 -5.48 -6.23
N ARG A 228 -12.88 -5.83 -5.20
CA ARG A 228 -13.18 -7.22 -4.92
C ARG A 228 -14.16 -7.77 -5.97
N ASP A 229 -15.14 -6.96 -6.38
CA ASP A 229 -16.09 -7.35 -7.43
C ASP A 229 -15.37 -7.50 -8.78
N ALA A 230 -14.29 -6.75 -8.98
CA ALA A 230 -13.56 -6.84 -10.23
C ALA A 230 -12.67 -8.07 -10.26
N GLY A 231 -12.70 -8.86 -9.19
CA GLY A 231 -11.91 -10.08 -9.11
C GLY A 231 -10.52 -9.93 -8.53
N LEU A 232 -10.22 -8.75 -7.98
CA LEU A 232 -8.89 -8.52 -7.43
C LEU A 232 -8.75 -8.96 -5.97
N VAL A 233 -7.54 -9.40 -5.62
CA VAL A 233 -7.14 -9.55 -4.23
C VAL A 233 -6.94 -8.14 -3.65
N THR A 234 -7.64 -7.86 -2.55
CA THR A 234 -7.65 -6.53 -1.98
C THR A 234 -6.93 -6.49 -0.64
N LYS A 235 -6.44 -5.31 -0.28
CA LYS A 235 -5.61 -5.14 0.92
C LYS A 235 -5.88 -3.77 1.50
N SER A 236 -5.78 -3.64 2.81
CA SER A 236 -5.83 -2.33 3.43
C SER A 236 -4.96 -2.31 4.68
N ASN A 237 -4.75 -1.11 5.22
CA ASN A 237 -3.85 -0.94 6.36
C ASN A 237 -4.52 -0.15 7.48
N LEU A 238 -4.27 -0.54 8.73
CA LEU A 238 -4.70 0.27 9.87
C LEU A 238 -3.49 0.81 10.64
N ILE A 239 -3.50 2.11 10.92
CA ILE A 239 -2.45 2.73 11.71
C ILE A 239 -2.89 2.93 13.16
N LEU A 240 -2.25 2.22 14.08
CA LEU A 240 -2.56 2.33 15.50
C LEU A 240 -1.68 3.37 16.19
N GLY A 241 -2.21 4.03 17.21
CA GLY A 241 -1.47 5.06 17.92
C GLY A 241 -1.95 6.46 17.55
N LEU A 242 -3.05 6.55 16.82
CA LEU A 242 -3.61 7.84 16.42
C LEU A 242 -4.76 8.33 17.32
N GLY A 243 -5.09 7.56 18.36
CA GLY A 243 -6.16 7.95 19.26
C GLY A 243 -7.38 7.04 19.26
N GLU A 244 -7.35 6.04 18.40
CA GLU A 244 -8.42 5.06 18.28
C GLU A 244 -8.50 4.17 19.51
N THR A 245 -9.68 3.64 19.81
CA THR A 245 -9.79 2.70 20.91
C THR A 245 -9.62 1.31 20.35
N SER A 246 -9.39 0.36 21.25
CA SER A 246 -9.23 -1.02 20.83
CA SER A 246 -9.23 -1.04 20.87
C SER A 246 -10.51 -1.55 20.22
N ASP A 247 -11.65 -1.18 20.81
CA ASP A 247 -12.95 -1.51 20.27
C ASP A 247 -13.18 -0.92 18.87
N GLU A 248 -12.69 0.31 18.63
CA GLU A 248 -12.85 0.89 17.30
C GLU A 248 -12.00 0.15 16.30
N VAL A 249 -10.86 -0.36 16.74
CA VAL A 249 -10.01 -1.16 15.88
C VAL A 249 -10.78 -2.43 15.48
N ARG A 250 -11.45 -3.05 16.44
CA ARG A 250 -12.17 -4.29 16.21
C ARG A 250 -13.29 -4.13 15.20
N THR A 251 -14.01 -3.01 15.26
CA THR A 251 -15.11 -2.82 14.34
C THR A 251 -14.61 -2.41 12.95
N ALA A 252 -13.48 -1.77 12.92
CA ALA A 252 -12.90 -1.36 11.65
C ALA A 252 -12.40 -2.57 10.86
N LEU A 253 -11.74 -3.50 11.56
CA LEU A 253 -11.36 -4.75 10.94
C LEU A 253 -12.60 -5.46 10.40
N GLY A 254 -13.68 -5.46 11.20
CA GLY A 254 -14.93 -6.05 10.77
C GLY A 254 -15.50 -5.37 9.54
N ASP A 255 -15.47 -4.04 9.54
CA ASP A 255 -15.88 -3.27 8.36
C ASP A 255 -15.08 -3.65 7.12
N LEU A 256 -13.77 -3.82 7.30
CA LEU A 256 -12.88 -4.05 6.16
C LEU A 256 -13.17 -5.43 5.61
N ARG A 257 -13.34 -6.39 6.51
CA ARG A 257 -13.68 -7.73 6.11
C ARG A 257 -15.02 -7.74 5.37
N ASP A 258 -16.01 -7.03 5.92
CA ASP A 258 -17.32 -6.96 5.26
C ASP A 258 -17.23 -6.23 3.90
N ALA A 259 -16.35 -5.25 3.81
CA ALA A 259 -16.13 -4.54 2.55
C ALA A 259 -15.50 -5.44 1.47
N GLY A 260 -14.93 -6.56 1.89
CA GLY A 260 -14.41 -7.56 0.97
C GLY A 260 -12.89 -7.61 0.96
N CYS A 261 -12.28 -7.03 1.99
CA CYS A 261 -10.82 -6.95 2.06
C CYS A 261 -10.19 -8.30 2.45
N ASP A 262 -9.12 -8.70 1.75
CA ASP A 262 -8.51 -10.02 1.95
C ASP A 262 -7.26 -9.98 2.83
N ILE A 263 -6.49 -8.92 2.69
CA ILE A 263 -5.24 -8.75 3.44
C ILE A 263 -5.32 -7.47 4.27
N VAL A 264 -4.96 -7.58 5.54
CA VAL A 264 -4.89 -6.40 6.38
C VAL A 264 -3.59 -6.37 7.17
N THR A 265 -2.97 -5.19 7.20
CA THR A 265 -1.78 -4.97 8.00
C THR A 265 -2.14 -3.99 9.09
N ILE A 266 -1.57 -4.21 10.26
CA ILE A 266 -1.88 -3.44 11.47
C ILE A 266 -0.58 -2.97 12.08
N THR A 267 -0.34 -1.67 12.06
CA THR A 267 1.00 -1.18 12.37
C THR A 267 1.01 -0.04 13.38
N GLN A 268 2.21 0.32 13.81
CA GLN A 268 2.39 1.42 14.76
C GLN A 268 2.62 2.76 14.05
N TYR A 269 1.83 3.75 14.41
CA TYR A 269 2.06 5.12 13.97
C TYR A 269 3.43 5.65 14.38
N LEU A 270 4.19 6.11 13.40
CA LEU A 270 5.45 6.79 13.63
C LEU A 270 5.25 8.21 13.17
N ARG A 271 5.26 9.14 14.10
CA ARG A 271 5.01 10.53 13.76
C ARG A 271 6.13 11.11 12.87
N PRO A 272 5.78 11.53 11.64
CA PRO A 272 6.77 12.08 10.70
C PRO A 272 7.49 13.35 11.18
N SER A 273 6.76 14.29 11.77
CA SER A 273 7.33 15.55 12.27
C SER A 273 6.38 16.23 13.25
N ALA A 274 6.75 17.43 13.72
CA ALA A 274 5.93 18.16 14.71
C ALA A 274 4.64 18.74 14.13
N ARG A 275 4.67 19.06 12.84
CA ARG A 275 3.46 19.43 12.12
C ARG A 275 2.45 18.29 11.94
N HIS A 276 2.79 17.08 12.37
CA HIS A 276 1.89 15.95 12.12
C HIS A 276 1.19 15.52 13.38
N HIS A 277 0.15 14.72 13.20
CA HIS A 277 -0.68 14.22 14.29
C HIS A 277 0.17 13.60 15.39
N PRO A 278 -0.14 13.91 16.66
CA PRO A 278 0.63 13.35 17.78
C PRO A 278 0.42 11.85 17.96
N VAL A 279 1.43 11.15 18.48
CA VAL A 279 1.29 9.74 18.82
C VAL A 279 0.48 9.64 20.08
N GLU A 280 -0.62 8.89 20.03
CA GLU A 280 -1.49 8.77 21.19
C GLU A 280 -1.16 7.56 22.05
N ARG A 281 -0.44 6.58 21.48
CA ARG A 281 0.10 5.49 22.27
C ARG A 281 1.08 4.59 21.53
N TRP A 282 1.82 3.77 22.30
CA TRP A 282 2.66 2.73 21.75
C TRP A 282 1.99 1.40 22.07
N VAL A 283 1.58 0.68 21.03
CA VAL A 283 0.88 -0.58 21.18
C VAL A 283 1.86 -1.66 21.59
N LYS A 284 1.51 -2.44 22.61
CA LYS A 284 2.39 -3.51 23.10
C LYS A 284 2.36 -4.68 22.13
N PRO A 285 3.38 -5.54 22.19
CA PRO A 285 3.36 -6.69 21.27
C PRO A 285 2.17 -7.61 21.52
N GLU A 286 1.85 -7.86 22.79
CA GLU A 286 0.74 -8.75 23.09
C GLU A 286 -0.57 -8.18 22.54
N GLU A 287 -0.65 -6.85 22.43
CA GLU A 287 -1.84 -6.21 21.85
C GLU A 287 -1.91 -6.34 20.32
N PHE A 288 -0.76 -6.31 19.64
CA PHE A 288 -0.74 -6.55 18.20
C PHE A 288 -1.14 -7.98 17.91
N VAL A 289 -0.63 -8.90 18.72
CA VAL A 289 -0.97 -10.30 18.57
C VAL A 289 -2.49 -10.50 18.68
N GLN A 290 -3.10 -9.87 19.66
CA GLN A 290 -4.56 -10.01 19.82
C GLN A 290 -5.33 -9.50 18.60
N PHE A 291 -4.88 -8.36 18.07
CA PHE A 291 -5.52 -7.78 16.91
C PHE A 291 -5.34 -8.68 15.68
N ALA A 292 -4.15 -9.26 15.56
CA ALA A 292 -3.87 -10.17 14.46
C ALA A 292 -4.76 -11.41 14.53
N ARG A 293 -4.93 -11.94 15.74
CA ARG A 293 -5.78 -13.13 15.95
C ARG A 293 -7.23 -12.74 15.68
N PHE A 294 -7.59 -11.53 16.07
CA PHE A 294 -8.93 -11.03 15.79
C PHE A 294 -9.18 -11.00 14.30
N ALA A 295 -8.24 -10.45 13.54
CA ALA A 295 -8.38 -10.38 12.10
C ALA A 295 -8.40 -11.77 11.43
N GLU A 296 -7.54 -12.67 11.90
CA GLU A 296 -7.53 -14.03 11.34
C GLU A 296 -8.87 -14.71 11.57
N GLY A 297 -9.43 -14.52 12.77
CA GLY A 297 -10.70 -15.07 13.16
C GLY A 297 -11.85 -14.51 12.36
N LEU A 298 -11.71 -13.28 11.89
CA LEU A 298 -12.71 -12.69 11.02
C LEU A 298 -12.64 -13.27 9.60
N GLY A 299 -11.53 -13.92 9.30
CA GLY A 299 -11.39 -14.60 8.03
C GLY A 299 -10.57 -13.87 6.99
N PHE A 300 -9.70 -12.97 7.42
CA PHE A 300 -8.72 -12.41 6.50
C PHE A 300 -7.77 -13.52 5.99
N ALA A 301 -7.47 -13.49 4.70
CA ALA A 301 -6.56 -14.46 4.09
C ALA A 301 -5.11 -14.23 4.50
N GLY A 302 -4.79 -12.99 4.86
CA GLY A 302 -3.43 -12.63 5.24
C GLY A 302 -3.42 -11.50 6.24
N VAL A 303 -2.67 -11.70 7.33
CA VAL A 303 -2.66 -10.74 8.41
C VAL A 303 -1.25 -10.52 8.94
N LEU A 304 -0.86 -9.27 9.06
CA LEU A 304 0.44 -8.94 9.63
C LEU A 304 0.29 -7.78 10.61
N ALA A 305 0.83 -7.92 11.82
CA ALA A 305 0.64 -6.91 12.85
C ALA A 305 1.93 -6.66 13.60
N GLY A 306 2.19 -5.40 13.95
CA GLY A 306 3.35 -5.05 14.75
C GLY A 306 3.97 -3.75 14.24
N PRO A 307 5.20 -3.46 14.68
CA PRO A 307 5.89 -2.26 14.17
C PRO A 307 6.39 -2.52 12.75
N LEU A 308 5.54 -2.29 11.76
CA LEU A 308 5.89 -2.66 10.39
C LEU A 308 6.61 -1.51 9.70
N VAL A 309 6.56 -0.34 10.32
CA VAL A 309 7.19 0.89 9.80
C VAL A 309 6.58 1.38 8.49
N ARG A 310 6.49 0.51 7.49
CA ARG A 310 5.92 0.88 6.21
C ARG A 310 4.96 -0.20 5.72
N SER A 311 3.96 0.20 4.95
CA SER A 311 2.83 -0.65 4.62
C SER A 311 3.17 -1.81 3.68
N SER A 312 4.35 -1.76 3.06
CA SER A 312 4.74 -2.76 2.08
C SER A 312 5.57 -3.88 2.67
N TYR A 313 5.85 -3.81 3.96
CA TYR A 313 6.59 -4.87 4.63
C TYR A 313 5.94 -6.25 4.41
N ARG A 314 6.76 -7.20 3.94
CA ARG A 314 6.32 -8.57 3.66
C ARG A 314 5.12 -8.65 2.72
N ALA A 315 5.05 -7.68 1.80
CA ALA A 315 3.95 -7.66 0.85
C ALA A 315 3.88 -8.94 0.02
N GLY A 316 5.04 -9.47 -0.37
CA GLY A 316 5.08 -10.66 -1.19
C GLY A 316 4.56 -11.90 -0.49
N ARG A 317 4.96 -12.07 0.77
CA ARG A 317 4.48 -13.20 1.57
C ARG A 317 2.97 -13.12 1.76
N LEU A 318 2.46 -11.91 1.93
CA LEU A 318 1.04 -11.76 2.20
C LEU A 318 0.22 -12.10 0.96
N TYR A 319 0.68 -11.63 -0.19
CA TYR A 319 0.02 -11.97 -1.43
C TYR A 319 -0.02 -13.47 -1.58
N GLU A 320 1.13 -14.11 -1.41
CA GLU A 320 1.24 -15.57 -1.52
C GLU A 320 0.19 -16.30 -0.67
N GLN A 321 0.02 -15.86 0.58
CA GLN A 321 -0.96 -16.45 1.46
C GLN A 321 -2.39 -16.22 0.96
N ALA A 322 -2.67 -15.04 0.44
CA ALA A 322 -3.99 -14.77 -0.11
C ALA A 322 -4.24 -15.57 -1.39
N ARG A 323 -3.19 -15.83 -2.15
CA ARG A 323 -3.33 -16.59 -3.38
C ARG A 323 -3.44 -18.09 -3.09
N ASN A 324 -2.66 -18.56 -2.14
CA ASN A 324 -2.67 -19.97 -1.78
C ASN A 324 -4.06 -20.36 -1.25
N SER A 325 -4.56 -19.58 -0.31
CA SER A 325 -5.86 -19.85 0.30
C SER A 325 -7.02 -19.69 -0.69
N ARG A 326 -6.83 -18.85 -1.69
CA ARG A 326 -7.85 -18.64 -2.69
C ARG A 326 -7.94 -19.89 -3.58
N ALA A 327 -6.77 -20.42 -3.90
CA ALA A 327 -6.65 -21.61 -4.73
C ALA A 327 -7.21 -22.80 -3.95
N LEU A 328 -6.82 -22.90 -2.68
CA LEU A 328 -7.29 -23.95 -1.81
C LEU A 328 -8.82 -23.99 -1.76
N ALA A 329 -9.43 -22.82 -1.52
CA ALA A 329 -10.88 -22.72 -1.48
C ALA A 329 -11.53 -23.25 -2.76
N SER A 330 -11.06 -22.79 -3.91
CA SER A 330 -11.70 -23.10 -5.19
C SER A 330 -11.09 -24.30 -5.94
N ARG A 331 -10.56 -25.26 -5.17
CA ARG A 331 -10.00 -26.48 -5.75
C ARG A 331 -10.87 -27.69 -5.42
FE1 SF4 B . -0.64 10.93 2.02
FE2 SF4 B . -3.26 11.63 2.12
FE3 SF4 B . -2.41 9.75 0.33
FE4 SF4 B . -1.73 12.38 0.02
S1 SF4 B . -3.83 11.50 -0.06
S2 SF4 B . -0.36 10.57 -0.19
S3 SF4 B . -1.47 13.04 2.15
S4 SF4 B . -2.38 9.59 2.59
FE1 SF4 C . 10.52 -0.80 3.37
FE2 SF4 C . 10.34 -3.31 2.34
FE3 SF4 C . 10.85 -1.19 0.71
FE4 SF4 C . 8.38 -1.48 1.85
S1 SF4 C . 9.36 -2.87 0.33
S2 SF4 C . 9.60 0.43 1.71
S3 SF4 C . 8.94 -2.35 3.84
S4 SF4 C . 12.18 -1.98 2.35
S1 DTV D . 2.69 6.96 0.04
C1 DTV D . 1.08 6.84 -0.70
C2 DTV D . 0.20 5.88 0.07
O2 DTV D . 0.80 5.45 1.29
C3 DTV D . -1.12 6.57 0.28
O3 DTV D . -1.93 5.73 1.02
C4 DTV D . -1.75 6.78 -1.08
S4 DTV D . -3.19 7.82 -0.96
#